data_2WZK
#
_entry.id   2WZK
#
_cell.length_a   30.180
_cell.length_b   64.500
_cell.length_c   197.540
_cell.angle_alpha   90.00
_cell.angle_beta   90.00
_cell.angle_gamma   90.00
#
_symmetry.space_group_name_H-M   'P 21 21 21'
#
loop_
_entity.id
_entity.type
_entity.pdbx_description
1 polymer CULLIN-5
2 non-polymer 1,2-ETHANEDIOL
3 water water
#
_entity_poly.entity_id   1
_entity_poly.type   'polypeptide(L)'
_entity_poly.pdbx_seq_one_letter_code
;MATSNLLKNKGSLQFEDKWDFMHPIVLKLLRQESVTKQQWFDLFSDVHAVCLWDDKGSSKIHQALKEDILEFIKQAQARV
LSHQDDTALLKAYIVEWRKFFTQCDILPKPFCQLEVTLLGKQSSNKKSNMEDSIVRKLMLDTWNESIFSNIKNRLQDSAM
KLVHAERLGEAFDSQLVIGVRESYVNLCSNPEDKLQIYRDNFEKAYLDSTERFYRTQAPSYLQQNGVQNYMKYADAKLKE
EEKRALRYLETRRECNSVEALMECCVNALVTSFKETILAECQGMIKRNETEKLHLMFSLMDKVPNGIEPMLKDLEEHIIS
AGLADMVAAAETITTDSEKYREQLDTLFNRFSKLVKEAFQDDPRFLTARDKAYKAVVNDATIFKAENLYFQ
;
_entity_poly.pdbx_strand_id   A
#
loop_
_chem_comp.id
_chem_comp.type
_chem_comp.name
_chem_comp.formula
EDO non-polymer 1,2-ETHANEDIOL 'C2 H6 O2'
#
# COMPACT_ATOMS: atom_id res chain seq x y z
N SER A 12 43.88 36.45 -2.63
CA SER A 12 43.97 35.09 -3.17
C SER A 12 42.63 34.34 -3.05
N LEU A 13 41.73 34.62 -4.01
CA LEU A 13 40.37 34.06 -4.08
C LEU A 13 40.09 33.26 -5.37
N GLN A 14 41.16 32.78 -6.04
CA GLN A 14 41.06 31.98 -7.27
C GLN A 14 40.80 30.52 -6.89
N PHE A 15 40.36 29.70 -7.87
CA PHE A 15 40.08 28.27 -7.68
C PHE A 15 41.30 27.53 -7.08
N GLU A 16 42.49 27.80 -7.63
CA GLU A 16 43.76 27.21 -7.19
C GLU A 16 44.11 27.58 -5.75
N ASP A 17 43.58 28.72 -5.25
CA ASP A 17 43.81 29.19 -3.89
C ASP A 17 42.83 28.60 -2.88
N LYS A 18 41.59 28.30 -3.31
CA LYS A 18 40.52 27.82 -2.44
C LYS A 18 40.14 26.34 -2.50
N TRP A 19 40.24 25.68 -3.67
CA TRP A 19 39.83 24.26 -3.80
C TRP A 19 40.39 23.28 -2.77
N ASP A 20 41.69 23.40 -2.40
CA ASP A 20 42.31 22.53 -1.38
C ASP A 20 41.62 22.63 -0.02
N PHE A 21 40.88 23.72 0.23
CA PHE A 21 40.12 23.96 1.46
C PHE A 21 38.67 23.46 1.29
N MET A 22 38.18 23.43 0.03
CA MET A 22 36.82 23.03 -0.35
C MET A 22 36.69 21.53 -0.53
N HIS A 23 37.63 20.91 -1.28
CA HIS A 23 37.71 19.48 -1.58
C HIS A 23 37.51 18.56 -0.34
N PRO A 24 38.23 18.74 0.81
CA PRO A 24 38.01 17.85 1.95
C PRO A 24 36.59 17.87 2.52
N ILE A 25 35.92 19.02 2.43
CA ILE A 25 34.54 19.19 2.93
C ILE A 25 33.57 18.47 2.00
N VAL A 26 33.81 18.54 0.67
CA VAL A 26 33.01 17.85 -0.35
C VAL A 26 33.11 16.34 -0.09
N LEU A 27 34.31 15.86 0.23
CA LEU A 27 34.62 14.47 0.52
C LEU A 27 33.85 13.97 1.75
N LYS A 28 33.88 14.77 2.84
CA LYS A 28 33.18 14.49 4.10
C LYS A 28 31.67 14.44 3.86
N LEU A 29 31.14 15.39 3.05
CA LEU A 29 29.72 15.47 2.72
C LEU A 29 29.24 14.28 1.88
N LEU A 30 30.08 13.77 0.97
CA LEU A 30 29.78 12.60 0.14
C LEU A 30 29.78 11.31 0.98
N ARG A 31 30.73 11.22 1.93
CA ARG A 31 30.94 10.05 2.80
C ARG A 31 30.10 10.09 4.09
N GLN A 32 29.31 11.18 4.30
CA GLN A 32 28.49 11.38 5.50
C GLN A 32 29.38 11.39 6.75
N GLU A 33 30.50 12.11 6.67
CA GLU A 33 31.43 12.25 7.78
C GLU A 33 31.12 13.56 8.51
N SER A 34 31.62 13.71 9.74
CA SER A 34 31.35 14.88 10.58
C SER A 34 31.86 16.18 9.95
N VAL A 35 30.97 17.17 9.87
CA VAL A 35 31.27 18.51 9.33
C VAL A 35 30.87 19.55 10.39
N THR A 36 31.74 20.53 10.66
CA THR A 36 31.42 21.58 11.64
C THR A 36 30.56 22.62 10.90
N LYS A 37 29.80 23.44 11.66
CA LYS A 37 28.97 24.51 11.08
C LYS A 37 29.87 25.55 10.40
N GLN A 38 31.09 25.77 10.94
CA GLN A 38 32.08 26.67 10.36
C GLN A 38 32.51 26.16 8.98
N GLN A 39 32.83 24.86 8.86
CA GLN A 39 33.23 24.21 7.59
C GLN A 39 32.13 24.28 6.54
N TRP A 40 30.87 24.10 6.97
CA TRP A 40 29.68 24.15 6.12
C TRP A 40 29.47 25.56 5.55
N PHE A 41 29.41 26.59 6.42
CA PHE A 41 29.20 27.96 5.96
C PHE A 41 30.39 28.56 5.21
N ASP A 42 31.62 28.12 5.52
CA ASP A 42 32.82 28.55 4.82
C ASP A 42 32.82 28.02 3.39
N LEU A 43 32.25 26.81 3.17
CA LEU A 43 32.14 26.19 1.85
C LEU A 43 31.22 27.02 0.97
N PHE A 44 30.09 27.52 1.53
CA PHE A 44 29.16 28.42 0.82
C PHE A 44 29.96 29.68 0.42
N SER A 45 30.71 30.26 1.39
CA SER A 45 31.54 31.46 1.21
C SER A 45 32.63 31.28 0.15
N ASP A 46 33.30 30.10 0.13
CA ASP A 46 34.36 29.79 -0.82
C ASP A 46 33.83 29.61 -2.26
N VAL A 47 32.68 28.94 -2.42
CA VAL A 47 32.04 28.74 -3.73
C VAL A 47 31.70 30.11 -4.33
N HIS A 48 31.07 30.99 -3.54
CA HIS A 48 30.72 32.34 -3.95
C HIS A 48 31.98 33.15 -4.33
N ALA A 49 33.02 33.15 -3.46
CA ALA A 49 34.26 33.89 -3.70
C ALA A 49 34.96 33.47 -5.01
N VAL A 50 35.11 32.15 -5.25
CA VAL A 50 35.75 31.61 -6.47
C VAL A 50 34.90 31.94 -7.71
N CYS A 51 33.56 31.77 -7.65
CA CYS A 51 32.68 32.08 -8.78
C CYS A 51 32.70 33.57 -9.13
N LEU A 52 32.85 34.43 -8.11
CA LEU A 52 32.91 35.89 -8.27
C LEU A 52 34.23 36.39 -8.85
N TRP A 53 35.34 35.97 -8.24
CA TRP A 53 36.68 36.47 -8.56
C TRP A 53 37.47 35.75 -9.65
N ASP A 54 37.21 34.47 -9.87
CA ASP A 54 37.94 33.71 -10.89
C ASP A 54 37.07 33.62 -12.15
N ASP A 55 37.59 34.10 -13.30
CA ASP A 55 36.86 34.05 -14.58
C ASP A 55 36.52 32.62 -15.04
N LYS A 56 37.29 31.62 -14.54
CA LYS A 56 37.10 30.20 -14.82
C LYS A 56 36.60 29.46 -13.55
N GLY A 57 36.18 30.23 -12.53
CA GLY A 57 35.72 29.75 -11.23
C GLY A 57 34.56 28.76 -11.28
N SER A 58 33.45 29.14 -11.93
CA SER A 58 32.26 28.30 -12.08
C SER A 58 32.58 27.00 -12.82
N SER A 59 33.35 27.08 -13.92
CA SER A 59 33.78 25.94 -14.72
C SER A 59 34.66 24.98 -13.94
N LYS A 60 35.66 25.51 -13.21
CA LYS A 60 36.59 24.70 -12.41
C LYS A 60 35.92 24.03 -11.22
N ILE A 61 34.99 24.73 -10.53
CA ILE A 61 34.24 24.17 -9.39
C ILE A 61 33.34 23.05 -9.89
N HIS A 62 32.60 23.26 -11.02
CA HIS A 62 31.71 22.22 -11.54
C HIS A 62 32.47 20.95 -11.89
N GLN A 63 33.61 21.10 -12.60
CA GLN A 63 34.43 19.98 -13.02
C GLN A 63 35.07 19.23 -11.86
N ALA A 64 35.67 19.96 -10.89
CA ALA A 64 36.32 19.30 -9.74
C ALA A 64 35.29 18.60 -8.85
N LEU A 65 34.11 19.22 -8.63
CA LEU A 65 32.99 18.64 -7.88
C LEU A 65 32.47 17.40 -8.62
N LYS A 66 32.40 17.46 -9.97
CA LYS A 66 31.98 16.30 -10.79
C LYS A 66 32.98 15.15 -10.58
N GLU A 67 34.29 15.46 -10.57
CA GLU A 67 35.35 14.47 -10.34
C GLU A 67 35.28 13.88 -8.96
N ASP A 68 34.94 14.70 -7.93
CA ASP A 68 34.79 14.21 -6.56
C ASP A 68 33.57 13.28 -6.48
N ILE A 69 32.44 13.66 -7.11
CA ILE A 69 31.22 12.84 -7.14
C ILE A 69 31.51 11.49 -7.81
N LEU A 70 32.08 11.53 -9.03
CA LEU A 70 32.45 10.36 -9.82
C LEU A 70 33.42 9.41 -9.10
N GLU A 71 34.39 9.96 -8.34
CA GLU A 71 35.38 9.17 -7.60
C GLU A 71 34.74 8.43 -6.43
N PHE A 72 33.86 9.10 -5.67
CA PHE A 72 33.13 8.48 -4.57
C PHE A 72 32.24 7.34 -5.08
N ILE A 73 31.51 7.57 -6.20
N ILE A 73 31.52 7.58 -6.21
CA ILE A 73 30.61 6.55 -6.78
CA ILE A 73 30.63 6.60 -6.85
C ILE A 73 31.40 5.35 -7.32
C ILE A 73 31.42 5.36 -7.26
N LYS A 74 32.63 5.57 -7.82
CA LYS A 74 33.54 4.50 -8.29
C LYS A 74 33.98 3.64 -7.08
N GLN A 75 34.21 4.28 -5.91
CA GLN A 75 34.57 3.63 -4.65
C GLN A 75 33.35 2.87 -4.10
N ALA A 76 32.16 3.49 -4.16
CA ALA A 76 30.89 2.87 -3.73
C ALA A 76 30.57 1.66 -4.59
N GLN A 77 30.80 1.76 -5.92
CA GLN A 77 30.59 0.70 -6.91
C GLN A 77 31.46 -0.53 -6.57
N ALA A 78 32.75 -0.31 -6.26
CA ALA A 78 33.70 -1.36 -5.90
C ALA A 78 33.22 -2.15 -4.68
N ARG A 79 32.74 -1.45 -3.63
CA ARG A 79 32.20 -2.08 -2.41
C ARG A 79 30.97 -2.94 -2.70
N VAL A 80 30.01 -2.39 -3.47
CA VAL A 80 28.76 -3.08 -3.83
C VAL A 80 28.99 -4.28 -4.76
N LEU A 81 29.66 -4.06 -5.90
CA LEU A 81 29.92 -5.06 -6.93
C LEU A 81 30.90 -6.17 -6.55
N SER A 82 31.58 -6.05 -5.39
CA SER A 82 32.52 -7.06 -4.89
C SER A 82 31.79 -8.29 -4.32
N HIS A 83 30.47 -8.15 -4.05
CA HIS A 83 29.62 -9.23 -3.50
C HIS A 83 28.95 -10.01 -4.63
N GLN A 84 29.34 -11.29 -4.76
CA GLN A 84 28.79 -12.21 -5.76
C GLN A 84 27.41 -12.73 -5.36
N ASP A 85 27.20 -12.94 -4.05
CA ASP A 85 25.96 -13.41 -3.44
C ASP A 85 24.90 -12.29 -3.54
N ASP A 86 23.73 -12.60 -4.14
CA ASP A 86 22.62 -11.67 -4.34
C ASP A 86 22.11 -11.05 -3.03
N THR A 87 22.10 -11.84 -1.94
CA THR A 87 21.70 -11.40 -0.61
C THR A 87 22.71 -10.38 -0.06
N ALA A 88 24.02 -10.70 -0.17
CA ALA A 88 25.12 -9.83 0.26
C ALA A 88 25.22 -8.57 -0.62
N LEU A 89 24.88 -8.72 -1.92
CA LEU A 89 24.85 -7.62 -2.90
C LEU A 89 23.76 -6.63 -2.52
N LEU A 90 22.58 -7.14 -2.10
CA LEU A 90 21.45 -6.31 -1.67
C LEU A 90 21.79 -5.57 -0.39
N LYS A 91 22.38 -6.28 0.60
CA LYS A 91 22.81 -5.72 1.89
C LYS A 91 23.82 -4.59 1.67
N ALA A 92 24.89 -4.85 0.89
CA ALA A 92 25.91 -3.85 0.54
C ALA A 92 25.33 -2.65 -0.23
N TYR A 93 24.37 -2.90 -1.17
CA TYR A 93 23.75 -1.83 -1.94
C TYR A 93 22.98 -0.88 -1.01
N ILE A 94 22.19 -1.45 -0.08
CA ILE A 94 21.34 -0.71 0.87
C ILE A 94 22.16 0.13 1.84
N VAL A 95 23.28 -0.44 2.37
CA VAL A 95 24.19 0.26 3.28
C VAL A 95 24.65 1.53 2.58
N GLU A 96 25.18 1.40 1.34
CA GLU A 96 25.65 2.52 0.51
C GLU A 96 24.53 3.50 0.15
N TRP A 97 23.40 2.97 -0.39
CA TRP A 97 22.25 3.77 -0.81
C TRP A 97 21.66 4.63 0.30
N ARG A 98 21.45 4.07 1.51
CA ARG A 98 20.88 4.80 2.64
C ARG A 98 21.67 6.07 2.95
N LYS A 99 23.01 5.96 3.03
CA LYS A 99 23.91 7.10 3.29
C LYS A 99 23.92 8.07 2.09
N PHE A 100 24.16 7.54 0.87
CA PHE A 100 24.24 8.33 -0.35
C PHE A 100 22.99 9.14 -0.63
N PHE A 101 21.81 8.48 -0.61
CA PHE A 101 20.51 9.12 -0.86
C PHE A 101 20.24 10.26 0.12
N THR A 102 20.63 10.08 1.40
CA THR A 102 20.50 11.12 2.43
C THR A 102 21.37 12.33 2.02
N GLN A 103 22.64 12.07 1.64
CA GLN A 103 23.61 13.09 1.22
C GLN A 103 23.23 13.85 -0.06
N CYS A 104 22.33 13.27 -0.90
CA CYS A 104 21.82 13.90 -2.13
C CYS A 104 21.00 15.15 -1.78
N ASP A 105 20.53 15.26 -0.52
CA ASP A 105 19.75 16.40 -0.03
C ASP A 105 20.65 17.40 0.71
N ILE A 106 21.94 17.05 0.89
CA ILE A 106 22.90 17.86 1.64
C ILE A 106 24.00 18.50 0.76
N LEU A 107 24.82 17.66 0.07
CA LEU A 107 25.90 18.11 -0.81
C LEU A 107 25.53 19.23 -1.82
N PRO A 108 24.34 19.24 -2.48
CA PRO A 108 24.03 20.34 -3.42
C PRO A 108 23.82 21.70 -2.76
N LYS A 109 23.47 21.76 -1.45
CA LYS A 109 23.19 23.00 -0.72
C LYS A 109 24.31 24.07 -0.77
N PRO A 110 25.59 23.79 -0.39
CA PRO A 110 26.64 24.82 -0.52
C PRO A 110 26.93 25.24 -1.95
N PHE A 111 26.48 24.44 -2.94
CA PHE A 111 26.68 24.68 -4.36
C PHE A 111 25.55 25.43 -5.06
N CYS A 112 24.64 26.04 -4.27
CA CYS A 112 23.52 26.85 -4.74
C CYS A 112 24.01 28.03 -5.57
N GLN A 113 25.08 28.71 -5.07
CA GLN A 113 25.72 29.87 -5.70
C GLN A 113 26.39 29.47 -7.02
N LEU A 114 26.90 28.22 -7.13
CA LEU A 114 27.49 27.68 -8.34
C LEU A 114 26.39 27.46 -9.39
N GLU A 115 25.31 26.76 -9.01
CA GLU A 115 24.17 26.44 -9.86
C GLU A 115 23.54 27.67 -10.55
N VAL A 116 23.41 28.79 -9.81
CA VAL A 116 22.87 30.04 -10.36
C VAL A 116 23.75 30.70 -11.43
N THR A 117 25.01 30.22 -11.59
CA THR A 117 25.94 30.74 -12.60
C THR A 117 25.96 29.84 -13.85
N LEU A 118 25.32 28.66 -13.77
CA LEU A 118 25.27 27.68 -14.86
C LEU A 118 24.00 27.78 -15.71
N LEU A 119 24.17 27.53 -17.01
CA LEU A 119 23.09 27.55 -18.00
C LEU A 119 22.11 26.40 -17.78
N GLY A 120 20.82 26.70 -17.94
CA GLY A 120 19.73 25.74 -17.76
C GLY A 120 19.01 25.91 -16.44
N LYS A 121 19.73 26.37 -15.39
CA LYS A 121 19.19 26.58 -14.04
C LYS A 121 18.10 27.65 -14.01
N MET A 130 15.21 21.40 -4.64
CA MET A 130 16.08 20.24 -4.53
C MET A 130 16.00 19.35 -5.79
N GLU A 131 14.78 19.15 -6.33
CA GLU A 131 14.55 18.34 -7.53
C GLU A 131 15.09 19.00 -8.82
N ASP A 132 15.22 20.35 -8.80
CA ASP A 132 15.75 21.17 -9.90
C ASP A 132 17.28 21.37 -9.79
N SER A 133 17.93 20.67 -8.85
CA SER A 133 19.37 20.80 -8.62
C SER A 133 20.24 20.03 -9.60
N ILE A 134 21.15 20.77 -10.28
CA ILE A 134 22.14 20.25 -11.24
C ILE A 134 23.05 19.23 -10.51
N VAL A 135 23.59 19.61 -9.33
CA VAL A 135 24.47 18.76 -8.50
C VAL A 135 23.72 17.47 -8.07
N ARG A 136 22.49 17.61 -7.54
CA ARG A 136 21.69 16.47 -7.13
C ARG A 136 21.41 15.52 -8.29
N LYS A 137 21.10 16.09 -9.49
CA LYS A 137 20.84 15.29 -10.69
C LYS A 137 22.10 14.52 -11.09
N LEU A 138 23.27 15.18 -11.02
CA LEU A 138 24.57 14.60 -11.32
C LEU A 138 24.87 13.41 -10.40
N MET A 139 24.59 13.58 -9.09
CA MET A 139 24.76 12.56 -8.06
C MET A 139 23.92 11.30 -8.38
N LEU A 140 22.61 11.50 -8.63
CA LEU A 140 21.67 10.41 -8.94
C LEU A 140 21.94 9.75 -10.29
N ASP A 141 22.27 10.54 -11.33
CA ASP A 141 22.57 10.02 -12.68
C ASP A 141 23.81 9.12 -12.67
N THR A 142 24.89 9.54 -11.98
CA THR A 142 26.15 8.80 -11.87
C THR A 142 25.93 7.52 -11.07
N TRP A 143 25.15 7.60 -9.96
CA TRP A 143 24.80 6.45 -9.12
C TRP A 143 24.08 5.42 -9.99
N ASN A 144 23.09 5.88 -10.78
CA ASN A 144 22.32 5.03 -11.67
C ASN A 144 23.20 4.39 -12.75
N GLU A 145 24.02 5.20 -13.46
CA GLU A 145 24.91 4.74 -14.53
C GLU A 145 25.92 3.70 -14.06
N SER A 146 26.56 3.92 -12.90
CA SER A 146 27.60 3.03 -12.38
C SER A 146 27.11 1.86 -11.53
N ILE A 147 26.12 2.10 -10.65
CA ILE A 147 25.64 1.10 -9.71
C ILE A 147 24.29 0.45 -9.99
N PHE A 148 23.18 1.20 -9.80
CA PHE A 148 21.81 0.69 -9.93
C PHE A 148 21.42 0.02 -11.24
N SER A 149 21.67 0.66 -12.40
CA SER A 149 21.29 0.15 -13.73
C SER A 149 21.79 -1.25 -14.06
N ASN A 150 23.00 -1.61 -13.62
CA ASN A 150 23.63 -2.90 -13.88
C ASN A 150 23.07 -4.04 -13.01
N ILE A 151 22.67 -3.73 -11.76
CA ILE A 151 22.18 -4.72 -10.79
C ILE A 151 20.69 -4.61 -10.38
N LYS A 152 19.92 -3.68 -10.99
CA LYS A 152 18.52 -3.43 -10.66
C LYS A 152 17.57 -4.62 -10.64
N ASN A 153 17.67 -5.51 -11.67
CA ASN A 153 16.81 -6.70 -11.76
C ASN A 153 17.13 -7.69 -10.64
N ARG A 154 18.41 -7.81 -10.25
CA ARG A 154 18.83 -8.70 -9.16
C ARG A 154 18.36 -8.14 -7.82
N LEU A 155 18.46 -6.79 -7.62
CA LEU A 155 17.98 -6.12 -6.39
C LEU A 155 16.48 -6.32 -6.23
N GLN A 156 15.72 -6.14 -7.34
CA GLN A 156 14.27 -6.30 -7.36
C GLN A 156 13.84 -7.73 -7.03
N ASP A 157 14.47 -8.75 -7.67
CA ASP A 157 14.18 -10.17 -7.42
C ASP A 157 14.45 -10.52 -5.95
N SER A 158 15.56 -10.01 -5.37
CA SER A 158 15.92 -10.23 -3.97
C SER A 158 14.93 -9.56 -3.02
N ALA A 159 14.42 -8.36 -3.39
CA ALA A 159 13.43 -7.61 -2.61
C ALA A 159 12.12 -8.40 -2.51
N MET A 160 11.65 -8.94 -3.66
CA MET A 160 10.44 -9.75 -3.79
C MET A 160 10.56 -11.06 -3.01
N LYS A 161 11.77 -11.69 -3.00
CA LYS A 161 12.03 -12.92 -2.26
C LYS A 161 11.91 -12.68 -0.75
N LEU A 162 12.35 -11.50 -0.28
CA LEU A 162 12.26 -11.12 1.13
C LEU A 162 10.81 -10.90 1.56
N VAL A 163 9.98 -10.32 0.67
CA VAL A 163 8.55 -10.09 0.92
C VAL A 163 7.83 -11.45 1.00
N HIS A 164 8.26 -12.42 0.14
CA HIS A 164 7.74 -13.79 0.13
C HIS A 164 8.13 -14.48 1.45
N ALA A 165 9.40 -14.34 1.87
CA ALA A 165 9.90 -14.91 3.13
C ALA A 165 9.16 -14.32 4.33
N GLU A 166 8.89 -13.00 4.30
CA GLU A 166 8.14 -12.28 5.36
C GLU A 166 6.71 -12.84 5.49
N ARG A 167 6.08 -13.16 4.35
CA ARG A 167 4.73 -13.73 4.30
C ARG A 167 4.69 -15.11 4.96
N LEU A 168 5.76 -15.90 4.79
CA LEU A 168 5.90 -17.24 5.38
C LEU A 168 6.42 -17.22 6.85
N GLY A 169 6.64 -16.03 7.41
CA GLY A 169 7.05 -15.87 8.80
C GLY A 169 8.49 -15.54 9.09
N GLU A 170 9.28 -15.16 8.07
CA GLU A 170 10.70 -14.82 8.28
C GLU A 170 10.88 -13.30 8.36
N ALA A 171 11.34 -12.78 9.51
CA ALA A 171 11.58 -11.34 9.68
C ALA A 171 12.89 -10.94 9.01
N PHE A 172 12.98 -9.68 8.57
CA PHE A 172 14.16 -9.11 7.92
C PHE A 172 14.18 -7.57 8.07
N ASP A 173 15.34 -6.94 7.82
CA ASP A 173 15.48 -5.48 7.89
C ASP A 173 14.68 -4.85 6.75
N SER A 174 13.58 -4.13 7.09
CA SER A 174 12.66 -3.48 6.14
C SER A 174 13.37 -2.58 5.12
N GLN A 175 14.48 -1.94 5.54
CA GLN A 175 15.28 -1.06 4.69
C GLN A 175 15.79 -1.73 3.42
N LEU A 176 15.95 -3.07 3.44
CA LEU A 176 16.40 -3.86 2.30
C LEU A 176 15.41 -3.76 1.14
N VAL A 177 14.09 -3.75 1.45
CA VAL A 177 13.03 -3.58 0.44
C VAL A 177 12.80 -2.09 0.15
N ILE A 178 12.68 -1.25 1.21
CA ILE A 178 12.46 0.21 1.10
C ILE A 178 13.51 0.88 0.19
N GLY A 179 14.78 0.54 0.38
CA GLY A 179 15.90 1.06 -0.40
C GLY A 179 15.80 0.79 -1.89
N VAL A 180 15.27 -0.39 -2.28
CA VAL A 180 15.08 -0.77 -3.69
C VAL A 180 13.93 0.07 -4.26
N ARG A 181 12.82 0.20 -3.52
CA ARG A 181 11.67 1.00 -3.94
C ARG A 181 12.12 2.44 -4.16
N GLU A 182 12.84 3.03 -3.18
CA GLU A 182 13.38 4.39 -3.26
C GLU A 182 14.24 4.59 -4.50
N SER A 183 15.05 3.57 -4.86
CA SER A 183 15.94 3.61 -6.02
C SER A 183 15.13 3.68 -7.32
N TYR A 184 14.05 2.88 -7.44
CA TYR A 184 13.18 2.90 -8.61
C TYR A 184 12.47 4.25 -8.75
N VAL A 185 11.95 4.79 -7.62
CA VAL A 185 11.24 6.06 -7.57
C VAL A 185 12.14 7.26 -7.95
N ASN A 186 13.39 7.26 -7.46
CA ASN A 186 14.34 8.36 -7.62
C ASN A 186 15.34 8.28 -8.77
N LEU A 187 15.53 7.11 -9.39
CA LEU A 187 16.50 6.97 -10.47
C LEU A 187 15.87 6.80 -11.87
N CYS A 188 14.73 7.48 -12.11
CA CYS A 188 14.01 7.44 -13.38
C CYS A 188 14.42 8.60 -14.30
N SER A 189 14.65 8.30 -15.59
CA SER A 189 15.06 9.29 -16.60
C SER A 189 13.93 10.15 -17.20
N ASN A 190 12.67 9.65 -17.17
CA ASN A 190 11.53 10.40 -17.72
C ASN A 190 11.11 11.60 -16.84
N PRO A 191 11.21 12.80 -17.44
CA PRO A 191 10.67 14.00 -16.76
C PRO A 191 9.15 14.03 -16.70
N GLU A 192 8.49 13.57 -17.79
CA GLU A 192 7.03 13.52 -17.91
C GLU A 192 6.42 12.49 -16.98
N ASP A 193 7.15 11.39 -16.72
CA ASP A 193 6.71 10.31 -15.82
C ASP A 193 7.85 9.85 -14.91
N LYS A 194 8.01 10.52 -13.76
CA LYS A 194 9.04 10.23 -12.77
C LYS A 194 8.82 8.87 -12.08
N LEU A 195 7.58 8.35 -12.10
CA LEU A 195 7.23 7.06 -11.49
C LEU A 195 7.06 5.93 -12.51
N GLN A 196 7.59 6.10 -13.74
CA GLN A 196 7.49 5.12 -14.83
C GLN A 196 8.15 3.77 -14.53
N ILE A 197 9.46 3.77 -14.20
CA ILE A 197 10.20 2.54 -13.88
C ILE A 197 9.74 1.93 -12.56
N TYR A 198 9.20 2.76 -11.64
CA TYR A 198 8.65 2.27 -10.38
C TYR A 198 7.41 1.42 -10.67
N ARG A 199 6.50 1.95 -11.51
CA ARG A 199 5.24 1.30 -11.87
C ARG A 199 5.45 0.06 -12.72
N ASP A 200 6.20 0.20 -13.85
CA ASP A 200 6.46 -0.88 -14.81
C ASP A 200 7.32 -2.02 -14.27
N ASN A 201 8.17 -1.76 -13.27
CA ASN A 201 9.06 -2.76 -12.70
C ASN A 201 8.77 -3.15 -11.25
N PHE A 202 9.06 -2.26 -10.27
CA PHE A 202 8.87 -2.55 -8.84
C PHE A 202 7.41 -2.84 -8.44
N GLU A 203 6.50 -1.91 -8.72
CA GLU A 203 5.07 -2.02 -8.42
C GLU A 203 4.48 -3.24 -9.12
N LYS A 204 4.84 -3.45 -10.40
CA LYS A 204 4.37 -4.57 -11.22
C LYS A 204 4.80 -5.91 -10.60
N ALA A 205 6.09 -6.06 -10.26
CA ALA A 205 6.63 -7.27 -9.64
C ALA A 205 6.01 -7.53 -8.26
N TYR A 206 5.80 -6.47 -7.45
CA TYR A 206 5.20 -6.55 -6.12
C TYR A 206 3.74 -7.08 -6.23
N LEU A 207 2.95 -6.49 -7.16
CA LEU A 207 1.57 -6.86 -7.43
C LEU A 207 1.44 -8.28 -7.95
N ASP A 208 2.32 -8.68 -8.90
CA ASP A 208 2.31 -10.03 -9.49
C ASP A 208 2.67 -11.11 -8.46
N SER A 209 3.70 -10.85 -7.62
CA SER A 209 4.12 -11.80 -6.57
C SER A 209 3.07 -11.93 -5.47
N THR A 210 2.35 -10.82 -5.15
CA THR A 210 1.27 -10.81 -4.17
C THR A 210 0.14 -11.68 -4.70
N GLU A 211 -0.26 -11.43 -5.96
CA GLU A 211 -1.31 -12.16 -6.67
C GLU A 211 -0.97 -13.65 -6.76
N ARG A 212 0.30 -13.99 -7.06
CA ARG A 212 0.75 -15.38 -7.14
C ARG A 212 0.72 -16.06 -5.76
N PHE A 213 1.11 -15.34 -4.69
CA PHE A 213 1.09 -15.88 -3.32
C PHE A 213 -0.31 -16.32 -2.89
N TYR A 214 -1.29 -15.41 -2.98
CA TYR A 214 -2.67 -15.69 -2.55
C TYR A 214 -3.47 -16.61 -3.46
N ARG A 215 -3.17 -16.63 -4.77
CA ARG A 215 -3.82 -17.54 -5.72
C ARG A 215 -3.49 -18.99 -5.34
N THR A 216 -2.36 -19.20 -4.63
CA THR A 216 -1.90 -20.49 -4.14
C THR A 216 -2.40 -20.75 -2.70
N GLN A 217 -2.19 -19.78 -1.79
CA GLN A 217 -2.57 -19.91 -0.38
C GLN A 217 -4.07 -19.92 -0.10
N ALA A 218 -4.81 -18.91 -0.60
CA ALA A 218 -6.24 -18.73 -0.38
C ALA A 218 -7.15 -19.93 -0.70
N PRO A 219 -7.10 -20.61 -1.88
CA PRO A 219 -7.99 -21.77 -2.10
C PRO A 219 -7.66 -22.93 -1.17
N SER A 220 -6.37 -23.08 -0.84
CA SER A 220 -5.87 -24.12 0.05
C SER A 220 -6.38 -23.89 1.48
N TYR A 221 -6.27 -22.63 1.99
CA TYR A 221 -6.75 -22.28 3.33
C TYR A 221 -8.27 -22.51 3.42
N LEU A 222 -9.02 -22.08 2.38
CA LEU A 222 -10.46 -22.25 2.31
C LEU A 222 -10.89 -23.73 2.37
N GLN A 223 -10.19 -24.60 1.62
CA GLN A 223 -10.50 -26.03 1.56
C GLN A 223 -10.17 -26.74 2.88
N GLN A 224 -9.04 -26.37 3.51
CA GLN A 224 -8.62 -27.00 4.75
C GLN A 224 -9.41 -26.52 5.97
N ASN A 225 -9.83 -25.25 5.98
CA ASN A 225 -10.46 -24.62 7.15
C ASN A 225 -11.94 -24.23 7.07
N GLY A 226 -12.54 -24.25 5.87
CA GLY A 226 -13.95 -23.89 5.70
C GLY A 226 -14.17 -22.40 5.58
N VAL A 227 -15.37 -22.01 5.12
CA VAL A 227 -15.80 -20.62 4.88
C VAL A 227 -15.63 -19.68 6.07
N GLN A 228 -16.12 -20.07 7.26
CA GLN A 228 -16.07 -19.28 8.49
C GLN A 228 -14.65 -18.88 8.84
N ASN A 229 -13.72 -19.87 8.88
CA ASN A 229 -12.32 -19.61 9.16
C ASN A 229 -11.66 -18.85 8.02
N TYR A 230 -12.10 -19.11 6.76
CA TYR A 230 -11.55 -18.39 5.60
C TYR A 230 -11.81 -16.89 5.70
N MET A 231 -13.00 -16.51 6.17
CA MET A 231 -13.38 -15.11 6.32
C MET A 231 -12.47 -14.37 7.29
N LYS A 232 -12.12 -15.01 8.43
CA LYS A 232 -11.20 -14.48 9.43
C LYS A 232 -9.80 -14.34 8.81
N TYR A 233 -9.38 -15.34 8.01
CA TYR A 233 -8.10 -15.37 7.30
C TYR A 233 -8.00 -14.23 6.28
N ALA A 234 -9.03 -14.04 5.44
CA ALA A 234 -9.06 -12.99 4.42
C ALA A 234 -8.96 -11.61 5.04
N ASP A 235 -9.77 -11.35 6.09
CA ASP A 235 -9.77 -10.09 6.83
C ASP A 235 -8.39 -9.78 7.42
N ALA A 236 -7.75 -10.80 8.04
CA ALA A 236 -6.42 -10.70 8.63
C ALA A 236 -5.37 -10.41 7.57
N LYS A 237 -5.41 -11.15 6.44
CA LYS A 237 -4.47 -10.97 5.34
C LYS A 237 -4.58 -9.59 4.70
N LEU A 238 -5.82 -9.08 4.53
CA LEU A 238 -6.05 -7.74 3.99
C LEU A 238 -5.40 -6.65 4.88
N LYS A 239 -5.54 -6.77 6.22
CA LYS A 239 -4.94 -5.87 7.21
C LYS A 239 -3.41 -5.96 7.18
N GLU A 240 -2.87 -7.20 7.05
N GLU A 240 -2.87 -7.19 7.05
CA GLU A 240 -1.45 -7.50 6.97
CA GLU A 240 -1.44 -7.48 6.97
C GLU A 240 -0.82 -6.87 5.72
C GLU A 240 -0.81 -6.89 5.72
N GLU A 241 -1.48 -7.07 4.56
CA GLU A 241 -1.01 -6.54 3.27
C GLU A 241 -1.08 -5.01 3.20
N GLU A 242 -2.14 -4.41 3.77
CA GLU A 242 -2.29 -2.95 3.81
C GLU A 242 -1.12 -2.30 4.55
N LYS A 243 -0.75 -2.86 5.73
CA LYS A 243 0.34 -2.41 6.58
C LYS A 243 1.67 -2.58 5.86
N ARG A 244 1.86 -3.73 5.19
CA ARG A 244 3.06 -4.07 4.43
C ARG A 244 3.24 -3.09 3.24
N ALA A 245 2.14 -2.82 2.49
CA ALA A 245 2.15 -1.89 1.35
C ALA A 245 2.45 -0.46 1.78
N LEU A 246 1.95 -0.02 2.97
CA LEU A 246 2.21 1.34 3.46
C LEU A 246 3.67 1.57 3.82
N ARG A 247 4.39 0.47 4.08
CA ARG A 247 5.81 0.45 4.44
C ARG A 247 6.70 0.33 3.19
N TYR A 248 6.41 -0.65 2.31
CA TYR A 248 7.22 -0.97 1.14
C TYR A 248 6.98 -0.18 -0.14
N LEU A 249 5.72 0.09 -0.46
CA LEU A 249 5.35 0.79 -1.69
C LEU A 249 5.45 2.31 -1.57
N GLU A 250 5.39 3.01 -2.71
CA GLU A 250 5.48 4.46 -2.77
C GLU A 250 4.19 5.11 -2.26
N THR A 251 4.33 5.96 -1.23
CA THR A 251 3.21 6.66 -0.62
C THR A 251 3.39 8.17 -0.68
N ARG A 252 4.67 8.64 -0.62
CA ARG A 252 5.07 10.05 -0.60
C ARG A 252 4.57 10.85 -1.80
N ARG A 253 4.74 10.32 -3.02
CA ARG A 253 4.31 10.97 -4.26
C ARG A 253 2.79 10.96 -4.50
N GLU A 254 2.01 10.53 -3.48
CA GLU A 254 0.54 10.47 -3.48
C GLU A 254 -0.08 9.65 -4.64
N CYS A 255 0.68 8.64 -5.12
CA CYS A 255 0.24 7.75 -6.20
C CYS A 255 -0.76 6.72 -5.67
N ASN A 256 -1.43 6.01 -6.59
CA ASN A 256 -2.44 5.00 -6.26
C ASN A 256 -1.82 3.59 -6.08
N SER A 257 -0.57 3.50 -5.59
CA SER A 257 0.15 2.24 -5.41
C SER A 257 -0.45 1.30 -4.37
N VAL A 258 -0.73 1.81 -3.15
CA VAL A 258 -1.32 1.04 -2.05
C VAL A 258 -2.77 0.64 -2.41
N GLU A 259 -3.52 1.55 -3.07
CA GLU A 259 -4.89 1.29 -3.53
C GLU A 259 -4.91 0.21 -4.61
N ALA A 260 -3.89 0.18 -5.51
CA ALA A 260 -3.76 -0.83 -6.56
C ALA A 260 -3.42 -2.18 -5.91
N LEU A 261 -2.56 -2.18 -4.87
CA LEU A 261 -2.19 -3.37 -4.11
C LEU A 261 -3.40 -3.94 -3.37
N MET A 262 -4.21 -3.07 -2.73
CA MET A 262 -5.41 -3.50 -2.01
C MET A 262 -6.46 -4.08 -2.97
N GLU A 263 -6.64 -3.46 -4.15
CA GLU A 263 -7.56 -3.90 -5.21
C GLU A 263 -7.18 -5.35 -5.61
N CYS A 264 -5.87 -5.60 -5.78
CA CYS A 264 -5.28 -6.90 -6.10
C CYS A 264 -5.55 -7.92 -4.98
N CYS A 265 -5.38 -7.52 -3.71
CA CYS A 265 -5.64 -8.40 -2.56
C CYS A 265 -7.12 -8.73 -2.41
N VAL A 266 -8.01 -7.73 -2.51
CA VAL A 266 -9.48 -7.87 -2.43
C VAL A 266 -9.95 -8.85 -3.51
N ASN A 267 -9.37 -8.75 -4.72
CA ASN A 267 -9.71 -9.64 -5.84
C ASN A 267 -9.27 -11.08 -5.61
N ALA A 268 -8.04 -11.28 -5.10
CA ALA A 268 -7.49 -12.61 -4.86
C ALA A 268 -8.09 -13.29 -3.62
N LEU A 269 -8.42 -12.50 -2.59
CA LEU A 269 -8.96 -13.01 -1.33
C LEU A 269 -10.47 -13.02 -1.18
N VAL A 270 -11.18 -12.03 -1.74
CA VAL A 270 -12.62 -11.92 -1.55
C VAL A 270 -13.42 -12.19 -2.82
N THR A 271 -13.14 -11.41 -3.89
CA THR A 271 -13.84 -11.52 -5.17
C THR A 271 -13.74 -12.93 -5.77
N SER A 272 -12.54 -13.55 -5.69
CA SER A 272 -12.31 -14.91 -6.21
C SER A 272 -13.17 -15.99 -5.53
N PHE A 273 -13.65 -15.73 -4.29
CA PHE A 273 -14.47 -16.67 -3.51
C PHE A 273 -15.78 -16.02 -3.02
N LYS A 274 -16.28 -15.01 -3.77
CA LYS A 274 -17.50 -14.28 -3.44
C LYS A 274 -18.77 -15.13 -3.30
N GLU A 275 -19.01 -16.07 -4.26
CA GLU A 275 -20.19 -16.95 -4.22
C GLU A 275 -20.12 -17.99 -3.11
N THR A 276 -18.91 -18.52 -2.82
CA THR A 276 -18.66 -19.51 -1.76
C THR A 276 -19.00 -18.85 -0.41
N ILE A 277 -18.56 -17.59 -0.24
CA ILE A 277 -18.82 -16.78 0.95
C ILE A 277 -20.33 -16.51 1.08
N LEU A 278 -20.94 -15.88 0.06
CA LEU A 278 -22.36 -15.50 0.02
C LEU A 278 -23.37 -16.63 0.26
N ALA A 279 -22.99 -17.89 -0.06
CA ALA A 279 -23.84 -19.06 0.10
C ALA A 279 -24.15 -19.38 1.59
N GLU A 280 -23.30 -18.87 2.50
CA GLU A 280 -23.40 -19.08 3.94
C GLU A 280 -24.26 -18.03 4.64
N CYS A 281 -24.61 -16.93 3.95
CA CYS A 281 -25.40 -15.82 4.50
C CYS A 281 -26.76 -16.24 5.06
N GLN A 282 -27.54 -17.03 4.29
CA GLN A 282 -28.86 -17.53 4.67
C GLN A 282 -28.80 -18.30 6.00
N GLY A 283 -27.92 -19.30 6.07
CA GLY A 283 -27.70 -20.12 7.26
C GLY A 283 -27.32 -19.31 8.49
N MET A 284 -26.46 -18.29 8.29
CA MET A 284 -25.99 -17.38 9.35
C MET A 284 -27.11 -16.49 9.89
N ILE A 285 -28.00 -15.98 9.02
CA ILE A 285 -29.17 -15.16 9.42
C ILE A 285 -30.10 -16.04 10.28
N LYS A 286 -30.33 -17.29 9.84
CA LYS A 286 -31.17 -18.28 10.51
C LYS A 286 -30.65 -18.60 11.94
N ARG A 287 -29.32 -18.77 12.09
CA ARG A 287 -28.68 -19.09 13.37
C ARG A 287 -28.31 -17.87 14.23
N ASN A 288 -28.66 -16.64 13.78
CA ASN A 288 -28.38 -15.34 14.44
C ASN A 288 -26.88 -15.17 14.75
N GLU A 289 -26.03 -15.47 13.76
CA GLU A 289 -24.58 -15.38 13.87
C GLU A 289 -24.11 -13.99 13.42
N THR A 290 -24.48 -12.97 14.24
CA THR A 290 -24.24 -11.54 14.06
C THR A 290 -22.79 -11.16 13.81
N GLU A 291 -21.84 -11.72 14.59
CA GLU A 291 -20.40 -11.44 14.47
C GLU A 291 -19.85 -11.95 13.12
N LYS A 292 -20.32 -13.13 12.70
CA LYS A 292 -19.94 -13.77 11.43
C LYS A 292 -20.54 -13.00 10.25
N LEU A 293 -21.80 -12.50 10.38
CA LEU A 293 -22.49 -11.71 9.36
C LEU A 293 -21.84 -10.34 9.22
N HIS A 294 -21.38 -9.75 10.35
CA HIS A 294 -20.68 -8.47 10.39
C HIS A 294 -19.35 -8.60 9.64
N LEU A 295 -18.67 -9.75 9.81
CA LEU A 295 -17.41 -10.03 9.11
C LEU A 295 -17.68 -10.22 7.61
N MET A 296 -18.83 -10.84 7.25
CA MET A 296 -19.23 -11.03 5.85
C MET A 296 -19.50 -9.70 5.18
N PHE A 297 -20.28 -8.82 5.83
CA PHE A 297 -20.62 -7.49 5.34
C PHE A 297 -19.33 -6.67 5.12
N SER A 298 -18.40 -6.63 6.11
CA SER A 298 -17.12 -5.92 6.00
C SER A 298 -16.32 -6.41 4.78
N LEU A 299 -16.23 -7.74 4.58
CA LEU A 299 -15.53 -8.32 3.45
C LEU A 299 -16.24 -8.10 2.12
N MET A 300 -17.55 -8.41 2.05
CA MET A 300 -18.36 -8.28 0.82
C MET A 300 -18.57 -6.86 0.30
N ASP A 301 -18.57 -5.86 1.20
CA ASP A 301 -18.71 -4.44 0.83
C ASP A 301 -17.49 -3.87 0.08
N LYS A 302 -16.39 -4.64 0.03
CA LYS A 302 -15.16 -4.25 -0.67
C LYS A 302 -15.26 -4.63 -2.15
N VAL A 303 -16.22 -5.52 -2.50
CA VAL A 303 -16.45 -6.08 -3.83
C VAL A 303 -17.63 -5.32 -4.51
N PRO A 304 -17.54 -4.98 -5.83
CA PRO A 304 -18.66 -4.29 -6.49
C PRO A 304 -19.94 -5.11 -6.44
N ASN A 305 -21.01 -4.52 -5.84
CA ASN A 305 -22.34 -5.12 -5.65
C ASN A 305 -22.34 -6.43 -4.81
N GLY A 306 -21.33 -6.58 -3.95
CA GLY A 306 -21.17 -7.74 -3.09
C GLY A 306 -22.22 -7.88 -2.00
N ILE A 307 -22.87 -6.74 -1.66
CA ILE A 307 -23.89 -6.61 -0.62
C ILE A 307 -25.29 -7.02 -1.07
N GLU A 308 -25.61 -6.85 -2.37
CA GLU A 308 -26.89 -7.21 -2.96
C GLU A 308 -27.43 -8.60 -2.59
N PRO A 309 -26.65 -9.71 -2.71
CA PRO A 309 -27.18 -11.03 -2.32
C PRO A 309 -27.48 -11.18 -0.83
N MET A 310 -26.79 -10.40 0.04
CA MET A 310 -27.01 -10.41 1.49
C MET A 310 -28.34 -9.72 1.80
N LEU A 311 -28.63 -8.64 1.04
CA LEU A 311 -29.87 -7.86 1.14
C LEU A 311 -31.06 -8.73 0.76
N LYS A 312 -30.91 -9.51 -0.34
CA LYS A 312 -31.91 -10.44 -0.84
C LYS A 312 -32.16 -11.56 0.18
N ASP A 313 -31.08 -12.11 0.80
CA ASP A 313 -31.17 -13.16 1.82
C ASP A 313 -31.90 -12.68 3.07
N LEU A 314 -31.61 -11.42 3.49
CA LEU A 314 -32.26 -10.80 4.64
C LEU A 314 -33.76 -10.62 4.37
N GLU A 315 -34.13 -9.98 3.22
CA GLU A 315 -35.51 -9.75 2.79
C GLU A 315 -36.31 -11.05 2.79
N GLU A 316 -35.79 -12.08 2.10
CA GLU A 316 -36.40 -13.42 1.98
C GLU A 316 -36.63 -14.07 3.34
N HIS A 317 -35.63 -14.01 4.26
CA HIS A 317 -35.76 -14.61 5.60
C HIS A 317 -36.82 -13.91 6.46
N ILE A 318 -36.91 -12.56 6.39
CA ILE A 318 -37.93 -11.78 7.11
C ILE A 318 -39.34 -12.18 6.64
N ILE A 319 -39.56 -12.20 5.30
CA ILE A 319 -40.83 -12.56 4.66
C ILE A 319 -41.28 -13.98 5.03
N SER A 320 -40.34 -14.96 4.95
N SER A 320 -40.35 -14.96 4.95
CA SER A 320 -40.56 -16.36 5.29
CA SER A 320 -40.58 -16.37 5.29
C SER A 320 -40.95 -16.53 6.76
C SER A 320 -40.97 -16.52 6.77
N ALA A 321 -40.31 -15.76 7.67
CA ALA A 321 -40.57 -15.77 9.11
C ALA A 321 -41.97 -15.18 9.39
N GLY A 322 -42.33 -14.12 8.65
CA GLY A 322 -43.62 -13.45 8.74
C GLY A 322 -44.75 -14.38 8.30
N LEU A 323 -44.55 -15.05 7.14
CA LEU A 323 -45.49 -16.00 6.57
C LEU A 323 -45.73 -17.14 7.57
N ALA A 324 -44.64 -17.71 8.13
CA ALA A 324 -44.68 -18.77 9.13
C ALA A 324 -45.57 -18.38 10.33
N ASP A 325 -45.41 -17.13 10.85
CA ASP A 325 -46.23 -16.60 11.95
C ASP A 325 -47.72 -16.60 11.61
N MET A 326 -48.10 -15.98 10.46
CA MET A 326 -49.49 -15.92 10.00
C MET A 326 -50.11 -17.33 9.82
N VAL A 327 -49.35 -18.28 9.23
CA VAL A 327 -49.78 -19.67 9.05
C VAL A 327 -50.17 -20.29 10.42
N ALA A 328 -49.33 -20.06 11.46
CA ALA A 328 -49.55 -20.54 12.83
C ALA A 328 -50.64 -19.77 13.57
N ALA A 329 -50.93 -18.51 13.18
CA ALA A 329 -51.92 -17.65 13.83
C ALA A 329 -53.31 -17.62 13.20
N ALA A 330 -53.41 -17.85 11.88
CA ALA A 330 -54.64 -17.82 11.09
C ALA A 330 -55.84 -18.58 11.65
N GLU A 331 -55.60 -19.73 12.26
CA GLU A 331 -56.65 -20.59 12.84
C GLU A 331 -57.36 -19.94 14.04
N THR A 332 -56.67 -19.05 14.79
CA THR A 332 -57.22 -18.41 15.99
C THR A 332 -57.35 -16.88 15.84
N ILE A 333 -57.20 -16.37 14.62
CA ILE A 333 -57.25 -14.95 14.30
C ILE A 333 -58.53 -14.21 14.71
N THR A 334 -59.70 -14.87 14.60
CA THR A 334 -60.98 -14.25 14.93
C THR A 334 -61.21 -14.14 16.44
N THR A 335 -60.51 -14.96 17.24
CA THR A 335 -60.66 -14.96 18.69
C THR A 335 -59.52 -14.23 19.40
N ASP A 336 -58.29 -14.32 18.86
CA ASP A 336 -57.11 -13.67 19.43
C ASP A 336 -56.13 -13.15 18.36
N SER A 337 -56.52 -12.07 17.65
CA SER A 337 -55.69 -11.43 16.63
C SER A 337 -54.58 -10.61 17.31
N GLU A 338 -54.83 -10.20 18.58
CA GLU A 338 -53.88 -9.46 19.42
C GLU A 338 -52.61 -10.29 19.64
N LYS A 339 -52.74 -11.62 19.80
CA LYS A 339 -51.59 -12.52 19.96
C LYS A 339 -50.72 -12.46 18.70
N TYR A 340 -51.34 -12.47 17.50
CA TYR A 340 -50.62 -12.39 16.23
C TYR A 340 -49.86 -11.07 16.05
N ARG A 341 -50.53 -9.93 16.34
CA ARG A 341 -49.95 -8.59 16.24
C ARG A 341 -48.78 -8.44 17.21
N GLU A 342 -48.84 -9.14 18.36
CA GLU A 342 -47.76 -9.15 19.33
C GLU A 342 -46.59 -9.97 18.78
N GLN A 343 -46.87 -11.16 18.18
CA GLN A 343 -45.88 -12.03 17.56
C GLN A 343 -45.16 -11.31 16.41
N LEU A 344 -45.91 -10.48 15.65
CA LEU A 344 -45.37 -9.69 14.55
C LEU A 344 -44.48 -8.56 15.08
N ASP A 345 -44.91 -7.90 16.17
CA ASP A 345 -44.17 -6.84 16.84
C ASP A 345 -42.83 -7.43 17.34
N THR A 346 -42.87 -8.66 17.90
CA THR A 346 -41.71 -9.42 18.38
C THR A 346 -40.77 -9.74 17.19
N LEU A 347 -41.37 -10.13 16.03
CA LEU A 347 -40.66 -10.44 14.78
C LEU A 347 -39.88 -9.22 14.29
N PHE A 348 -40.54 -8.06 14.21
CA PHE A 348 -39.93 -6.80 13.78
C PHE A 348 -38.80 -6.37 14.73
N ASN A 349 -38.97 -6.57 16.05
CA ASN A 349 -37.95 -6.26 17.07
C ASN A 349 -36.74 -7.15 16.93
N ARG A 350 -36.97 -8.45 16.64
CA ARG A 350 -35.92 -9.46 16.42
C ARG A 350 -35.06 -9.09 15.19
N PHE A 351 -35.70 -8.83 14.03
CA PHE A 351 -34.97 -8.49 12.82
C PHE A 351 -34.34 -7.09 12.81
N SER A 352 -34.97 -6.10 13.48
CA SER A 352 -34.41 -4.74 13.59
C SER A 352 -33.13 -4.77 14.39
N LYS A 353 -33.06 -5.67 15.41
CA LYS A 353 -31.90 -5.89 16.26
C LYS A 353 -30.78 -6.48 15.41
N LEU A 354 -31.11 -7.50 14.58
CA LEU A 354 -30.16 -8.19 13.69
C LEU A 354 -29.48 -7.21 12.72
N VAL A 355 -30.27 -6.28 12.12
CA VAL A 355 -29.81 -5.24 11.20
C VAL A 355 -28.83 -4.31 11.94
N LYS A 356 -29.14 -3.99 13.21
CA LYS A 356 -28.33 -3.16 14.09
C LYS A 356 -27.01 -3.84 14.50
N GLU A 357 -27.05 -5.13 14.96
CA GLU A 357 -25.84 -5.82 15.42
C GLU A 357 -24.96 -6.32 14.30
N ALA A 358 -25.55 -7.00 13.31
CA ALA A 358 -24.79 -7.58 12.20
C ALA A 358 -24.43 -6.60 11.09
N PHE A 359 -25.32 -5.66 10.78
CA PHE A 359 -25.10 -4.73 9.67
C PHE A 359 -25.01 -3.25 10.04
N GLN A 360 -24.90 -2.95 11.35
CA GLN A 360 -24.70 -1.62 11.93
C GLN A 360 -25.69 -0.54 11.46
N ASP A 361 -26.96 -0.94 11.19
CA ASP A 361 -28.04 -0.07 10.70
C ASP A 361 -27.64 0.69 9.43
N ASP A 362 -26.93 0.00 8.51
CA ASP A 362 -26.49 0.54 7.23
C ASP A 362 -27.72 0.98 6.41
N PRO A 363 -27.71 2.20 5.80
CA PRO A 363 -28.87 2.65 5.01
C PRO A 363 -29.41 1.66 3.97
N ARG A 364 -28.53 0.80 3.42
CA ARG A 364 -28.91 -0.21 2.42
C ARG A 364 -29.63 -1.37 3.10
N PHE A 365 -29.16 -1.80 4.28
CA PHE A 365 -29.78 -2.89 5.05
C PHE A 365 -31.09 -2.42 5.70
N LEU A 366 -31.20 -1.11 6.03
CA LEU A 366 -32.43 -0.54 6.58
C LEU A 366 -33.52 -0.49 5.50
N THR A 367 -33.13 -0.13 4.26
CA THR A 367 -34.01 -0.06 3.08
C THR A 367 -34.62 -1.44 2.79
N ALA A 368 -33.78 -2.51 2.84
CA ALA A 368 -34.16 -3.91 2.62
C ALA A 368 -35.06 -4.41 3.75
N ARG A 369 -34.80 -3.98 4.99
CA ARG A 369 -35.58 -4.34 6.17
C ARG A 369 -36.99 -3.75 6.10
N ASP A 370 -37.12 -2.48 5.67
CA ASP A 370 -38.39 -1.79 5.55
C ASP A 370 -39.25 -2.37 4.43
N LYS A 371 -38.60 -2.69 3.29
CA LYS A 371 -39.22 -3.31 2.12
C LYS A 371 -39.79 -4.67 2.52
N ALA A 372 -39.01 -5.47 3.28
CA ALA A 372 -39.43 -6.79 3.77
C ALA A 372 -40.56 -6.71 4.79
N TYR A 373 -40.53 -5.70 5.70
CA TYR A 373 -41.59 -5.50 6.71
C TYR A 373 -42.90 -5.13 6.03
N LYS A 374 -42.83 -4.28 4.98
CA LYS A 374 -43.97 -3.85 4.16
C LYS A 374 -44.60 -5.07 3.47
N ALA A 375 -43.74 -5.98 2.95
CA ALA A 375 -44.14 -7.19 2.26
C ALA A 375 -44.82 -8.16 3.25
N VAL A 376 -44.32 -8.23 4.50
CA VAL A 376 -44.91 -9.08 5.54
C VAL A 376 -46.34 -8.62 5.82
N VAL A 377 -46.54 -7.30 6.01
CA VAL A 377 -47.84 -6.70 6.28
C VAL A 377 -48.81 -6.92 5.11
N ASN A 378 -48.34 -6.68 3.87
CA ASN A 378 -49.15 -6.89 2.66
C ASN A 378 -49.58 -8.36 2.52
N ASP A 379 -48.63 -9.31 2.65
CA ASP A 379 -48.89 -10.75 2.54
C ASP A 379 -49.87 -11.24 3.61
N ALA A 380 -49.74 -10.73 4.86
CA ALA A 380 -50.62 -11.09 5.97
C ALA A 380 -52.03 -10.59 5.74
N THR A 381 -52.17 -9.38 5.16
CA THR A 381 -53.47 -8.78 4.82
C THR A 381 -54.19 -9.64 3.78
N ILE A 382 -53.50 -9.98 2.68
CA ILE A 382 -54.06 -10.76 1.58
C ILE A 382 -54.10 -12.27 1.83
N PHE A 383 -53.47 -12.75 2.93
CA PHE A 383 -53.45 -14.17 3.29
C PHE A 383 -54.85 -14.76 3.42
N LYS A 384 -55.04 -15.94 2.84
CA LYS A 384 -56.32 -16.65 2.92
C LYS A 384 -56.10 -17.99 3.61
N ALA A 385 -56.79 -18.19 4.75
CA ALA A 385 -56.73 -19.44 5.51
C ALA A 385 -57.34 -20.57 4.67
N GLU A 386 -56.86 -21.81 4.87
CA GLU A 386 -57.33 -22.99 4.14
C GLU A 386 -58.79 -23.28 4.48
N ASN A 387 -59.65 -23.33 3.46
CA ASN A 387 -61.09 -23.59 3.59
C ASN A 387 -61.37 -25.08 3.70
N LEU A 388 -62.32 -25.44 4.59
CA LEU A 388 -62.72 -26.81 4.85
C LEU A 388 -64.19 -27.01 4.50
C1 EDO B . 38.41 29.54 3.81
O1 EDO B . 37.26 30.07 4.49
C2 EDO B . 38.54 28.06 4.10
O2 EDO B . 38.85 27.85 5.48
C1 EDO C . 29.16 34.55 -7.46
O1 EDO C . 29.03 34.97 -8.83
C2 EDO C . 28.29 33.31 -7.20
O2 EDO C . 26.98 33.49 -7.74
C1 EDO D . 2.55 5.26 -14.02
O1 EDO D . 3.64 5.19 -14.95
C2 EDO D . 2.96 6.02 -12.76
O2 EDO D . 2.17 5.56 -11.66
C1 EDO E . -35.89 -18.21 3.22
O1 EDO E . -35.03 -17.27 2.57
C2 EDO E . -35.40 -18.44 4.64
O2 EDO E . -36.25 -19.38 5.31
C1 EDO F . 33.86 10.55 10.91
O1 EDO F . 33.84 11.97 11.08
C2 EDO F . 32.44 10.07 10.65
O2 EDO F . 31.53 10.64 11.59
#